data_3VZA
#
_entry.id   3VZA
#
_cell.length_a   61.321
_cell.length_b   61.321
_cell.length_c   111.275
_cell.angle_alpha   90.00
_cell.angle_beta   90.00
_cell.angle_gamma   120.00
#
_symmetry.space_group_name_H-M   'P 31'
#
loop_
_entity.id
_entity.type
_entity.pdbx_description
1 polymer 'Uncharacterized protein'
2 polymer 'Spc24 protein'
3 polymer 'Centromere protein T'
4 water water
#
loop_
_entity_poly.entity_id
_entity_poly.type
_entity_poly.pdbx_seq_one_letter_code
_entity_poly.pdbx_strand_id
1 'polypeptide(L)'
;GYKERVERLCKSKELFEERLGLEIRRIHNEQLQFIFRHIDHKDPDKPYMFTLSINEQGDYEVTSCTPPLDCISEFQLKVR
ETNNFSAFIANIRKAFTALSFKQST
;
B,A
2 'polypeptide(L)' GDEREDDGVPSAAYVTQLYYKISRIDWDYEVEPARIKGIHYGPDIAQPINMDSSHHSRCFISDYLWSLVPTAW D,C
3 'polypeptide(L)' GRNAFSELDSADPRVMLRRIIQNQPQVDPLALQTVQLEP E,F
#
# COMPACT_ATOMS: atom_id res chain seq x y z
N ARG A 5 -3.46 -20.23 7.05
CA ARG A 5 -4.12 -19.07 6.48
C ARG A 5 -3.58 -17.80 7.14
N VAL A 6 -4.34 -17.34 8.12
CA VAL A 6 -3.91 -16.23 8.96
C VAL A 6 -2.74 -16.68 9.87
N GLU A 7 -2.73 -17.98 10.16
CA GLU A 7 -1.72 -18.60 11.03
C GLU A 7 -0.37 -18.53 10.33
N ARG A 8 -0.44 -18.65 9.00
CA ARG A 8 0.76 -18.69 8.17
C ARG A 8 1.33 -17.28 8.07
N LEU A 9 0.45 -16.30 8.02
CA LEU A 9 0.90 -14.92 8.05
C LEU A 9 1.54 -14.55 9.39
N CYS A 10 0.95 -14.95 10.51
CA CYS A 10 1.55 -14.57 11.79
C CYS A 10 2.86 -15.31 11.92
N LYS A 11 2.89 -16.58 11.52
CA LYS A 11 4.14 -17.33 11.55
C LYS A 11 5.25 -16.61 10.70
N SER A 12 4.91 -16.18 9.50
CA SER A 12 5.89 -15.48 8.65
C SER A 12 6.41 -14.22 9.36
N LYS A 13 5.49 -13.44 9.95
CA LYS A 13 5.93 -12.26 10.70
C LYS A 13 6.88 -12.62 11.84
N GLU A 14 6.56 -13.63 12.61
CA GLU A 14 7.46 -13.95 13.70
C GLU A 14 8.80 -14.47 13.22
N LEU A 15 8.81 -15.19 12.08
CA LEU A 15 10.10 -15.69 11.56
C LEU A 15 10.94 -14.52 11.11
N PHE A 16 10.34 -13.52 10.50
CA PHE A 16 11.17 -12.39 10.09
C PHE A 16 11.63 -11.59 11.33
N GLU A 17 10.75 -11.36 12.29
CA GLU A 17 11.11 -10.65 13.51
C GLU A 17 12.27 -11.32 14.20
N GLU A 18 12.15 -12.60 14.45
CA GLU A 18 13.25 -13.28 15.11
C GLU A 18 14.54 -13.40 14.26
N ARG A 19 14.43 -13.76 12.98
CA ARG A 19 15.62 -14.03 12.23
C ARG A 19 16.34 -12.76 11.77
N LEU A 20 15.61 -11.71 11.38
CA LEU A 20 16.26 -10.47 11.01
C LEU A 20 16.50 -9.54 12.22
N GLY A 21 15.85 -9.87 13.34
CA GLY A 21 15.88 -9.04 14.54
C GLY A 21 15.24 -7.68 14.23
N LEU A 22 14.24 -7.67 13.35
CA LEU A 22 13.65 -6.39 12.99
C LEU A 22 12.16 -6.46 13.19
N GLU A 23 11.64 -5.51 13.98
CA GLU A 23 10.18 -5.38 14.18
C GLU A 23 9.66 -4.09 13.61
N ILE A 24 8.41 -4.14 13.12
CA ILE A 24 7.84 -2.98 12.43
C ILE A 24 6.56 -2.68 13.13
N ARG A 25 6.41 -1.43 13.60
CA ARG A 25 5.21 -1.09 14.39
C ARG A 25 4.51 0.08 13.73
N ARG A 26 3.18 0.04 13.65
CA ARG A 26 2.48 1.17 13.07
C ARG A 26 2.06 1.98 14.31
N ILE A 27 2.55 3.19 14.41
CA ILE A 27 2.39 4.01 15.59
C ILE A 27 1.62 5.29 15.24
N HIS A 28 1.50 6.20 16.19
CA HIS A 28 0.63 7.39 15.97
C HIS A 28 1.19 8.32 14.88
N ASN A 29 0.29 9.18 14.39
CA ASN A 29 0.64 10.22 13.45
C ASN A 29 1.27 9.67 12.17
N GLU A 30 0.65 8.63 11.61
CA GLU A 30 0.97 8.11 10.26
C GLU A 30 2.40 7.63 10.17
N GLN A 31 2.94 7.00 11.20
CA GLN A 31 4.38 6.68 11.20
C GLN A 31 4.56 5.19 11.40
N LEU A 32 5.67 4.65 10.90
CA LEU A 32 6.03 3.28 11.19
C LEU A 32 7.34 3.38 11.98
N GLN A 33 7.47 2.59 13.02
CA GLN A 33 8.71 2.50 13.81
C GLN A 33 9.39 1.23 13.42
N PHE A 34 10.67 1.33 13.02
CA PHE A 34 11.51 0.17 12.74
C PHE A 34 12.43 -0.03 13.94
N ILE A 35 12.39 -1.23 14.54
CA ILE A 35 13.17 -1.50 15.75
C ILE A 35 14.13 -2.67 15.42
N PHE A 36 15.42 -2.37 15.43
CA PHE A 36 16.43 -3.45 15.23
C PHE A 36 16.91 -3.94 16.56
N ARG A 37 16.87 -5.25 16.76
CA ARG A 37 17.61 -5.89 17.83
C ARG A 37 18.71 -6.71 17.24
N HIS A 38 19.46 -7.41 18.13
CA HIS A 38 20.53 -8.30 17.70
C HIS A 38 21.62 -7.49 17.05
N ILE A 39 21.79 -6.28 17.53
CA ILE A 39 22.80 -5.36 16.98
C ILE A 39 24.09 -5.55 17.79
N ASP A 40 23.97 -5.37 19.10
CA ASP A 40 25.12 -5.45 20.03
C ASP A 40 25.12 -6.88 20.54
N HIS A 41 26.15 -7.63 20.15
CA HIS A 41 26.25 -9.03 20.52
C HIS A 41 26.39 -9.23 22.03
N LYS A 42 26.81 -8.19 22.76
CA LYS A 42 26.93 -8.31 24.21
C LYS A 42 25.58 -8.03 24.88
N ASP A 43 24.64 -7.50 24.10
CA ASP A 43 23.32 -7.15 24.62
C ASP A 43 22.30 -7.34 23.47
N PRO A 44 21.97 -8.61 23.12
CA PRO A 44 21.20 -8.81 21.90
C PRO A 44 19.80 -8.15 21.92
N ASP A 45 19.24 -7.92 23.11
CA ASP A 45 17.87 -7.45 23.15
C ASP A 45 17.77 -5.95 23.10
N LYS A 46 18.91 -5.27 23.08
CA LYS A 46 18.90 -3.80 23.09
C LYS A 46 18.45 -3.25 21.76
N PRO A 47 17.40 -2.39 21.78
CA PRO A 47 16.87 -1.89 20.50
C PRO A 47 17.57 -0.64 19.99
N TYR A 48 17.57 -0.50 18.67
CA TYR A 48 18.03 0.64 17.90
C TYR A 48 16.89 0.89 16.88
N MET A 49 16.35 2.12 16.86
CA MET A 49 15.03 2.33 16.23
C MET A 49 15.07 3.60 15.39
N PHE A 50 14.23 3.69 14.36
CA PHE A 50 13.95 4.99 13.78
C PHE A 50 12.51 4.96 13.36
N THR A 51 11.96 6.12 13.07
CA THR A 51 10.62 6.20 12.61
C THR A 51 10.54 6.90 11.26
N LEU A 52 9.54 6.52 10.51
CA LEU A 52 9.42 6.90 9.11
C LEU A 52 7.97 7.22 8.74
N SER A 53 7.81 8.24 7.89
CA SER A 53 6.47 8.50 7.36
C SER A 53 6.63 8.75 5.89
N ILE A 54 5.48 8.74 5.19
CA ILE A 54 5.50 9.24 3.80
C ILE A 54 4.81 10.56 3.87
N ASN A 55 5.50 11.62 3.45
CA ASN A 55 4.99 12.92 3.75
C ASN A 55 4.02 13.41 2.67
N GLU A 56 3.48 14.59 2.84
CA GLU A 56 2.41 15.06 1.96
C GLU A 56 2.83 15.12 0.49
N GLN A 57 4.13 15.21 0.20
CA GLN A 57 4.61 15.21 -1.19
C GLN A 57 4.76 13.80 -1.73
N GLY A 58 4.45 12.81 -0.89
CA GLY A 58 4.71 11.40 -1.17
C GLY A 58 6.19 11.04 -1.06
N ASP A 59 6.96 11.73 -0.23
CA ASP A 59 8.40 11.38 -0.04
C ASP A 59 8.70 10.61 1.25
N TYR A 60 9.74 9.74 1.24
CA TYR A 60 10.18 9.15 2.49
C TYR A 60 10.64 10.27 3.43
N GLU A 61 10.26 10.20 4.70
CA GLU A 61 10.70 11.15 5.68
C GLU A 61 11.04 10.44 7.01
N VAL A 62 12.29 10.53 7.46
CA VAL A 62 12.66 9.94 8.72
C VAL A 62 12.25 10.95 9.77
N THR A 63 11.39 10.58 10.70
CA THR A 63 10.93 11.58 11.63
C THR A 63 11.58 11.50 12.99
N SER A 64 12.34 10.46 13.23
CA SER A 64 13.19 10.42 14.44
C SER A 64 14.11 9.21 14.35
N CYS A 65 15.19 9.22 15.13
CA CYS A 65 16.20 8.15 15.11
C CYS A 65 16.80 8.04 16.50
N THR A 66 16.60 6.90 17.16
CA THR A 66 17.08 6.74 18.53
C THR A 66 17.81 5.42 18.68
N PRO A 67 19.13 5.45 18.93
CA PRO A 67 19.97 6.63 19.11
C PRO A 67 20.18 7.32 17.78
N PRO A 68 20.62 8.58 17.80
CA PRO A 68 20.79 9.29 16.50
C PRO A 68 21.93 8.72 15.65
N LEU A 69 21.77 8.80 14.34
CA LEU A 69 22.82 8.42 13.38
C LEU A 69 23.17 9.66 12.59
N ASP A 70 24.44 9.97 12.44
CA ASP A 70 24.73 11.21 11.71
C ASP A 70 24.56 11.05 10.19
N CYS A 71 24.43 9.81 9.71
CA CYS A 71 24.26 9.60 8.27
C CYS A 71 22.80 9.45 7.79
N ILE A 72 21.87 9.41 8.73
CA ILE A 72 20.50 9.08 8.29
C ILE A 72 19.86 10.18 7.39
N SER A 73 20.26 11.45 7.49
CA SER A 73 19.73 12.42 6.52
C SER A 73 20.25 12.21 5.13
N GLU A 74 21.54 11.85 5.06
CA GLU A 74 22.12 11.42 3.80
C GLU A 74 21.38 10.20 3.25
N PHE A 75 21.05 9.24 4.10
CA PHE A 75 20.30 8.07 3.65
C PHE A 75 18.89 8.45 3.19
N GLN A 76 18.26 9.41 3.86
CA GLN A 76 16.95 9.83 3.42
C GLN A 76 17.06 10.43 2.01
N LEU A 77 18.03 11.30 1.79
CA LEU A 77 18.20 11.87 0.45
C LEU A 77 18.42 10.77 -0.60
N LYS A 78 19.25 9.79 -0.27
CA LYS A 78 19.51 8.72 -1.24
C LYS A 78 18.28 7.85 -1.53
N VAL A 79 17.47 7.57 -0.51
CA VAL A 79 16.33 6.70 -0.79
C VAL A 79 15.30 7.47 -1.60
N ARG A 80 15.23 8.75 -1.34
CA ARG A 80 14.33 9.54 -2.16
C ARG A 80 14.79 9.52 -3.60
N GLU A 81 16.08 9.65 -3.79
CA GLU A 81 16.56 9.75 -5.18
C GLU A 81 16.47 8.40 -5.92
N THR A 82 16.76 7.29 -5.24
CA THR A 82 16.86 5.98 -5.89
C THR A 82 15.66 5.10 -5.77
N ASN A 83 14.82 5.45 -4.82
CA ASN A 83 13.71 4.64 -4.43
C ASN A 83 14.16 3.25 -3.97
N ASN A 84 15.42 3.11 -3.53
CA ASN A 84 15.85 1.78 -3.14
C ASN A 84 15.69 1.64 -1.61
N PHE A 85 14.53 1.14 -1.24
CA PHE A 85 14.13 1.11 0.16
C PHE A 85 14.86 -0.04 0.85
N SER A 86 15.10 -1.13 0.09
CA SER A 86 15.88 -2.23 0.66
C SER A 86 17.24 -1.72 1.11
N ALA A 87 17.92 -0.99 0.23
CA ALA A 87 19.30 -0.57 0.56
C ALA A 87 19.27 0.44 1.71
N PHE A 88 18.23 1.26 1.74
CA PHE A 88 18.05 2.27 2.80
C PHE A 88 18.01 1.56 4.13
N ILE A 89 17.15 0.54 4.25
CA ILE A 89 17.04 -0.23 5.49
C ILE A 89 18.41 -0.96 5.83
N ALA A 90 19.02 -1.62 4.84
CA ALA A 90 20.29 -2.30 5.05
C ALA A 90 21.40 -1.33 5.53
N ASN A 91 21.46 -0.13 4.92
CA ASN A 91 22.45 0.87 5.35
C ASN A 91 22.22 1.46 6.73
N ILE A 92 20.94 1.61 7.10
CA ILE A 92 20.65 2.04 8.50
C ILE A 92 21.11 0.94 9.50
N ARG A 93 20.85 -0.31 9.19
CA ARG A 93 21.29 -1.33 10.14
C ARG A 93 22.85 -1.36 10.26
N LYS A 94 23.53 -1.28 9.15
CA LYS A 94 24.98 -1.19 9.16
C LYS A 94 25.45 -0.02 10.02
N ALA A 95 24.73 1.09 9.89
CA ALA A 95 25.12 2.29 10.63
C ALA A 95 24.87 2.09 12.16
N PHE A 96 23.78 1.42 12.58
CA PHE A 96 23.57 1.15 14.00
C PHE A 96 24.69 0.16 14.51
N THR A 97 24.96 -0.88 13.74
CA THR A 97 26.10 -1.80 14.09
C THR A 97 27.39 -0.97 14.38
N ALA A 98 27.71 -0.06 13.49
CA ALA A 98 28.95 0.67 13.63
C ALA A 98 28.83 1.52 14.88
N LEU A 99 27.65 2.08 15.10
CA LEU A 99 27.54 3.09 16.14
C LEU A 99 27.77 2.40 17.45
N SER A 100 27.40 1.13 17.48
CA SER A 100 27.54 0.33 18.69
C SER A 100 28.99 0.07 19.11
N PHE A 101 29.95 0.26 18.18
CA PHE A 101 31.39 0.13 18.48
C PHE A 101 32.10 1.47 18.74
N LYS A 102 31.39 2.59 18.66
CA LYS A 102 31.98 3.92 18.81
C LYS A 102 32.26 4.21 20.28
N GLN A 103 33.28 5.02 20.57
CA GLN A 103 33.46 5.63 21.90
C GLN A 103 34.92 5.94 22.28
N ALA B 12 -1.96 -7.99 8.64
CA ALA B 12 -0.74 -8.88 8.73
C ALA B 12 0.08 -9.08 7.41
N ALA B 13 -0.63 -9.27 6.31
CA ALA B 13 -0.03 -9.54 5.03
C ALA B 13 0.85 -8.38 4.58
N TYR B 14 0.42 -7.15 4.81
CA TYR B 14 1.17 -6.02 4.31
C TYR B 14 2.58 -5.93 4.96
N VAL B 15 2.65 -6.19 6.25
CA VAL B 15 3.97 -6.18 6.90
C VAL B 15 4.86 -7.29 6.34
N THR B 16 4.32 -8.49 6.14
CA THR B 16 5.22 -9.56 5.67
C THR B 16 5.64 -9.27 4.23
N GLN B 17 4.74 -8.63 3.46
CA GLN B 17 5.12 -8.21 2.11
C GLN B 17 6.28 -7.22 2.13
N LEU B 18 6.21 -6.24 3.05
CA LEU B 18 7.36 -5.32 3.17
C LEU B 18 8.64 -6.04 3.64
N TYR B 19 8.54 -7.07 4.49
CA TYR B 19 9.79 -7.76 4.90
C TYR B 19 10.40 -8.41 3.67
N TYR B 20 9.58 -8.93 2.76
CA TYR B 20 10.10 -9.44 1.48
C TYR B 20 10.77 -8.33 0.69
N LYS B 21 10.10 -7.16 0.59
CA LYS B 21 10.63 -6.05 -0.22
C LYS B 21 12.04 -5.69 0.31
N ILE B 22 12.18 -5.73 1.61
CA ILE B 22 13.44 -5.34 2.28
C ILE B 22 14.49 -6.40 2.10
N SER B 23 14.15 -7.64 2.42
CA SER B 23 15.18 -8.66 2.55
C SER B 23 15.34 -9.59 1.32
N ARG B 24 14.28 -9.58 0.50
CA ARG B 24 14.06 -10.51 -0.60
C ARG B 24 14.16 -11.99 -0.18
N ILE B 25 13.80 -12.31 1.06
CA ILE B 25 13.78 -13.68 1.55
C ILE B 25 12.37 -14.30 1.57
N ASP B 26 12.23 -15.58 1.12
CA ASP B 26 10.92 -16.27 1.24
C ASP B 26 11.22 -17.50 2.08
N TRP B 27 10.56 -17.64 3.23
CA TRP B 27 10.89 -18.75 4.15
C TRP B 27 10.23 -20.05 3.68
N ASP B 28 10.81 -21.17 4.11
CA ASP B 28 10.19 -22.48 3.97
C ASP B 28 9.47 -22.64 5.30
N TYR B 29 8.15 -22.66 5.23
CA TYR B 29 7.30 -22.72 6.41
C TYR B 29 7.00 -24.12 6.84
N GLU B 30 7.47 -25.11 6.08
CA GLU B 30 7.21 -26.47 6.53
C GLU B 30 8.52 -27.14 6.88
N VAL B 31 9.11 -26.72 7.99
CA VAL B 31 10.33 -27.32 8.50
C VAL B 31 10.37 -27.12 10.02
N GLU B 32 11.17 -27.94 10.74
CA GLU B 32 11.28 -27.81 12.19
C GLU B 32 11.72 -26.41 12.59
N PRO B 33 11.37 -25.98 13.82
CA PRO B 33 11.65 -24.57 14.16
C PRO B 33 13.16 -24.31 14.17
N ALA B 34 13.94 -25.35 14.44
CA ALA B 34 15.38 -25.25 14.57
C ALA B 34 16.10 -25.02 13.25
N ARG B 35 15.35 -25.01 12.15
CA ARG B 35 16.00 -24.92 10.86
C ARG B 35 15.62 -23.63 10.17
N ILE B 36 16.63 -22.82 9.86
CA ILE B 36 16.30 -21.58 9.19
C ILE B 36 16.42 -21.84 7.67
N LYS B 37 15.30 -21.91 6.99
CA LYS B 37 15.44 -22.41 5.63
C LYS B 37 14.60 -21.53 4.75
N GLY B 38 15.11 -21.24 3.56
CA GLY B 38 14.37 -20.34 2.72
C GLY B 38 15.18 -20.08 1.45
N ILE B 39 14.79 -19.06 0.71
CA ILE B 39 15.52 -18.67 -0.50
C ILE B 39 15.66 -17.16 -0.50
N HIS B 40 16.84 -16.67 -0.90
CA HIS B 40 17.09 -15.23 -1.03
C HIS B 40 17.13 -14.90 -2.51
N TYR B 41 16.29 -13.94 -2.91
CA TYR B 41 16.20 -13.50 -4.33
C TYR B 41 17.01 -12.23 -4.67
N GLY B 42 17.41 -12.08 -5.94
CA GLY B 42 18.20 -10.95 -6.38
C GLY B 42 18.18 -10.69 -7.89
N PRO B 43 18.89 -9.64 -8.32
CA PRO B 43 19.06 -9.55 -9.75
C PRO B 43 20.10 -10.61 -9.99
N ASP B 44 19.86 -11.47 -10.96
CA ASP B 44 20.46 -12.79 -11.17
C ASP B 44 19.86 -13.86 -10.28
N ILE B 45 20.56 -14.98 -10.13
CA ILE B 45 19.94 -16.24 -9.71
C ILE B 45 19.69 -16.45 -8.19
N ALA B 46 18.54 -17.02 -7.84
CA ALA B 46 18.07 -17.10 -6.43
C ALA B 46 18.91 -18.05 -5.62
N GLN B 47 19.14 -17.75 -4.33
CA GLN B 47 20.10 -18.52 -3.50
C GLN B 47 19.50 -19.21 -2.27
N PRO B 48 19.68 -20.53 -2.13
CA PRO B 48 19.07 -21.21 -0.97
C PRO B 48 19.77 -20.87 0.35
N ILE B 49 18.98 -20.90 1.42
CA ILE B 49 19.43 -20.73 2.81
C ILE B 49 18.96 -21.98 3.58
N ASN B 50 19.86 -22.67 4.24
CA ASN B 50 19.41 -23.74 5.11
C ASN B 50 20.34 -23.87 6.30
N MET B 51 20.03 -23.19 7.39
CA MET B 51 20.98 -23.12 8.49
C MET B 51 20.45 -23.84 9.71
N ASP B 52 21.33 -24.29 10.60
CA ASP B 52 20.83 -24.92 11.82
C ASP B 52 20.92 -23.89 12.96
N SER B 53 19.78 -23.41 13.41
CA SER B 53 19.78 -22.33 14.37
C SER B 53 20.49 -22.70 15.64
N SER B 54 20.56 -23.99 15.94
CA SER B 54 21.20 -24.44 17.17
C SER B 54 22.72 -24.24 17.13
N HIS B 55 23.28 -24.13 15.93
CA HIS B 55 24.74 -23.95 15.80
C HIS B 55 25.23 -22.51 15.91
N HIS B 56 24.32 -21.55 16.02
CA HIS B 56 24.69 -20.15 15.88
C HIS B 56 24.00 -19.29 16.92
N SER B 57 24.63 -18.17 17.32
CA SER B 57 23.94 -17.14 18.14
C SER B 57 22.85 -16.45 17.32
N ARG B 58 21.85 -15.92 18.03
CA ARG B 58 20.86 -15.04 17.43
C ARG B 58 21.50 -13.92 16.67
N CYS B 59 22.49 -13.26 17.25
CA CYS B 59 23.12 -12.16 16.49
C CYS B 59 23.85 -12.59 15.21
N PHE B 60 24.55 -13.73 15.20
CA PHE B 60 25.16 -14.15 13.96
C PHE B 60 24.12 -14.45 12.92
N ILE B 61 23.06 -15.12 13.32
CA ILE B 61 21.96 -15.40 12.36
C ILE B 61 21.46 -14.11 11.75
N SER B 62 21.17 -13.10 12.58
CA SER B 62 20.71 -11.83 12.00
C SER B 62 21.77 -11.12 11.19
N ASP B 63 23.04 -11.08 11.69
CA ASP B 63 24.07 -10.38 10.89
C ASP B 63 24.28 -11.09 9.53
N TYR B 64 24.27 -12.43 9.53
CA TYR B 64 24.51 -13.20 8.32
C TYR B 64 23.40 -13.01 7.31
N LEU B 65 22.16 -13.22 7.78
CA LEU B 65 21.03 -12.94 6.90
C LEU B 65 21.05 -11.52 6.36
N TRP B 66 21.31 -10.52 7.20
CA TRP B 66 21.40 -9.17 6.63
C TRP B 66 22.56 -8.99 5.64
N SER B 67 23.66 -9.73 5.81
CA SER B 67 24.75 -9.60 4.83
C SER B 67 24.34 -10.09 3.42
N LEU B 68 23.32 -10.94 3.34
CA LEU B 68 22.71 -11.23 2.03
C LEU B 68 22.12 -10.03 1.26
N VAL B 69 21.66 -9.00 2.01
CA VAL B 69 21.00 -7.80 1.44
C VAL B 69 22.02 -6.78 0.95
N PRO B 70 22.03 -6.51 -0.36
CA PRO B 70 22.98 -5.57 -0.97
C PRO B 70 22.81 -4.17 -0.46
N THR B 71 23.92 -3.47 -0.22
CA THR B 71 23.93 -2.13 0.36
C THR B 71 24.19 -1.09 -0.68
N ALA B 72 24.53 -1.51 -1.92
CA ALA B 72 24.59 -0.51 -2.99
C ALA B 72 23.26 0.18 -3.35
N TRP B 73 23.28 1.49 -3.52
CA TRP B 73 22.09 2.24 -3.79
C TRP B 73 21.57 2.04 -5.21
N ARG C 5 -19.16 26.74 -10.91
CA ARG C 5 -20.46 26.14 -10.66
C ARG C 5 -20.51 24.72 -11.24
N VAL C 6 -21.04 24.65 -12.43
CA VAL C 6 -21.03 23.41 -13.19
C VAL C 6 -19.60 23.09 -13.67
N GLU C 7 -18.81 24.16 -13.83
CA GLU C 7 -17.43 24.08 -14.30
C GLU C 7 -16.61 23.38 -13.24
N ARG C 8 -17.00 23.61 -12.00
CA ARG C 8 -16.26 23.12 -10.84
C ARG C 8 -16.55 21.63 -10.69
N LEU C 9 -17.79 21.27 -10.97
CA LEU C 9 -18.16 19.87 -10.99
C LEU C 9 -17.45 19.09 -12.10
N CYS C 10 -17.38 19.65 -13.31
CA CYS C 10 -16.71 18.91 -14.38
C CYS C 10 -15.22 18.83 -14.04
N LYS C 11 -14.66 19.94 -13.57
CA LYS C 11 -13.25 19.92 -13.13
C LYS C 11 -12.99 18.79 -12.08
N SER C 12 -13.86 18.69 -11.07
CA SER C 12 -13.69 17.67 -10.03
C SER C 12 -13.72 16.28 -10.67
N LYS C 13 -14.70 16.03 -11.55
CA LYS C 13 -14.74 14.74 -12.23
C LYS C 13 -13.45 14.44 -13.02
N GLU C 14 -12.93 15.42 -13.75
CA GLU C 14 -11.73 15.10 -14.48
C GLU C 14 -10.52 14.88 -13.58
N LEU C 15 -10.47 15.58 -12.45
CA LEU C 15 -9.34 15.40 -11.55
C LEU C 15 -9.42 14.01 -10.96
N PHE C 16 -10.61 13.53 -10.63
CA PHE C 16 -10.68 12.18 -10.08
C PHE C 16 -10.37 11.14 -11.20
N GLU C 17 -10.87 11.36 -12.41
CA GLU C 17 -10.60 10.45 -13.53
C GLU C 17 -9.11 10.34 -13.75
N GLU C 18 -8.44 11.47 -13.92
CA GLU C 18 -7.02 11.39 -14.20
C GLU C 18 -6.20 10.90 -12.98
N ARG C 19 -6.55 11.34 -11.78
CA ARG C 19 -5.65 11.05 -10.66
C ARG C 19 -5.86 9.63 -10.14
N LEU C 20 -7.10 9.15 -10.09
CA LEU C 20 -7.35 7.79 -9.63
C LEU C 20 -7.28 6.78 -10.78
N GLY C 21 -7.28 7.28 -12.03
CA GLY C 21 -7.34 6.45 -13.22
C GLY C 21 -8.65 5.67 -13.21
N LEU C 22 -9.72 6.27 -12.67
CA LEU C 22 -10.98 5.52 -12.63
C LEU C 22 -12.05 6.34 -13.26
N GLU C 23 -12.75 5.73 -14.25
CA GLU C 23 -13.91 6.39 -14.89
C GLU C 23 -15.16 5.62 -14.59
N ILE C 24 -16.29 6.34 -14.48
CA ILE C 24 -17.54 5.72 -14.14
C ILE C 24 -18.52 6.08 -15.20
N ARG C 25 -19.15 5.06 -15.81
CA ARG C 25 -20.06 5.34 -16.95
C ARG C 25 -21.43 4.76 -16.62
N ARG C 26 -22.50 5.49 -16.90
CA ARG C 26 -23.83 4.94 -16.71
C ARG C 26 -24.22 4.38 -18.06
N ILE C 27 -24.41 3.07 -18.12
CA ILE C 27 -24.63 2.38 -19.37
C ILE C 27 -26.02 1.72 -19.36
N HIS C 28 -26.30 0.92 -20.37
CA HIS C 28 -27.67 0.39 -20.53
C HIS C 28 -28.05 -0.58 -19.41
N ASN C 29 -29.36 -0.82 -19.31
CA ASN C 29 -29.89 -1.78 -18.38
C ASN C 29 -29.49 -1.55 -16.91
N GLU C 30 -29.62 -0.28 -16.45
CA GLU C 30 -29.49 0.08 -15.05
C GLU C 30 -28.12 -0.24 -14.52
N GLN C 31 -27.07 -0.06 -15.32
CA GLN C 31 -25.75 -0.54 -14.84
C GLN C 31 -24.79 0.62 -14.83
N LEU C 32 -23.74 0.50 -14.01
CA LEU C 32 -22.65 1.46 -14.02
C LEU C 32 -21.41 0.64 -14.37
N GLN C 33 -20.57 1.18 -15.26
CA GLN C 33 -19.34 0.49 -15.65
C GLN C 33 -18.21 1.26 -14.97
N PHE C 34 -17.35 0.53 -14.25
CA PHE C 34 -16.16 1.10 -13.60
C PHE C 34 -14.98 0.69 -14.44
N ILE C 35 -14.22 1.68 -14.95
CA ILE C 35 -13.08 1.39 -15.82
C ILE C 35 -11.80 1.88 -15.10
N PHE C 36 -10.92 0.94 -14.74
CA PHE C 36 -9.61 1.35 -14.16
C PHE C 36 -8.57 1.42 -15.24
N ARG C 37 -7.84 2.53 -15.30
CA ARG C 37 -6.63 2.58 -16.09
C ARG C 37 -5.48 2.75 -15.13
N HIS C 38 -4.27 2.89 -15.67
CA HIS C 38 -3.08 3.14 -14.87
C HIS C 38 -2.83 1.93 -13.99
N ILE C 39 -3.17 0.78 -14.50
CA ILE C 39 -3.01 -0.46 -13.78
C ILE C 39 -1.65 -1.05 -14.15
N ASP C 40 -1.43 -1.24 -15.45
CA ASP C 40 -0.21 -1.90 -15.99
C ASP C 40 0.69 -0.73 -16.33
N HIS C 41 1.82 -0.61 -15.60
CA HIS C 41 2.72 0.51 -15.79
C HIS C 41 3.38 0.47 -17.17
N LYS C 42 3.38 -0.68 -17.84
CA LYS C 42 3.99 -0.77 -19.17
C LYS C 42 2.98 -0.35 -20.22
N ASP C 43 1.72 -0.24 -19.83
CA ASP C 43 0.62 0.11 -20.73
C ASP C 43 -0.44 0.92 -19.92
N PRO C 44 -0.15 2.19 -19.62
CA PRO C 44 -1.02 2.86 -18.65
C PRO C 44 -2.46 3.03 -19.14
N ASP C 45 -2.69 3.02 -20.46
CA ASP C 45 -4.02 3.33 -20.94
C ASP C 45 -4.89 2.11 -21.04
N LYS C 46 -4.32 0.93 -20.77
CA LYS C 46 -5.09 -0.31 -20.89
C LYS C 46 -6.15 -0.41 -19.81
N PRO C 47 -7.44 -0.63 -20.22
CA PRO C 47 -8.50 -0.65 -19.21
C PRO C 47 -8.74 -2.02 -18.61
N TYR C 48 -9.19 -2.02 -17.37
CA TYR C 48 -9.70 -3.15 -16.61
C TYR C 48 -11.04 -2.67 -16.01
N MET C 49 -12.14 -3.41 -16.25
CA MET C 49 -13.47 -2.87 -16.05
C MET C 49 -14.34 -3.91 -15.36
N PHE C 50 -15.36 -3.45 -14.67
CA PHE C 50 -16.44 -4.36 -14.29
C PHE C 50 -17.72 -3.53 -14.30
N THR C 51 -18.83 -4.21 -14.31
CA THR C 51 -20.11 -3.52 -14.30
C THR C 51 -20.90 -3.94 -13.09
N LEU C 52 -21.75 -3.03 -12.62
CA LEU C 52 -22.44 -3.19 -11.36
C LEU C 52 -23.91 -2.67 -11.48
N SER C 53 -24.81 -3.38 -10.80
CA SER C 53 -26.17 -2.85 -10.69
C SER C 53 -26.64 -3.03 -9.27
N ILE C 54 -27.76 -2.35 -8.94
CA ILE C 54 -28.41 -2.67 -7.68
C ILE C 54 -29.63 -3.41 -8.08
N ASN C 55 -29.77 -4.63 -7.57
CA ASN C 55 -30.76 -5.51 -8.12
C ASN C 55 -32.12 -5.33 -7.43
N GLU C 56 -33.10 -6.07 -7.87
CA GLU C 56 -34.45 -5.81 -7.38
C GLU C 56 -34.59 -5.97 -5.85
N GLN C 57 -33.69 -6.68 -5.20
CA GLN C 57 -33.70 -6.82 -3.74
C GLN C 57 -33.02 -5.67 -3.06
N GLY C 58 -32.52 -4.73 -3.84
CA GLY C 58 -31.64 -3.66 -3.39
C GLY C 58 -30.25 -4.15 -3.00
N ASP C 59 -29.73 -5.21 -3.63
CA ASP C 59 -28.36 -5.67 -3.32
C ASP C 59 -27.33 -5.31 -4.41
N TYR C 60 -26.06 -5.10 -4.03
CA TYR C 60 -25.02 -4.89 -5.04
C TYR C 60 -24.95 -6.18 -5.90
N GLU C 61 -24.82 -6.05 -7.22
CA GLU C 61 -24.65 -7.18 -8.08
C GLU C 61 -23.61 -6.85 -9.20
N VAL C 62 -22.55 -7.64 -9.26
CA VAL C 62 -21.55 -7.39 -10.28
C VAL C 62 -22.09 -8.15 -11.48
N THR C 63 -22.32 -7.46 -12.59
CA THR C 63 -22.92 -8.17 -13.71
C THR C 63 -21.95 -8.56 -14.82
N SER C 64 -20.73 -8.08 -14.74
CA SER C 64 -19.69 -8.61 -15.62
C SER C 64 -18.34 -8.06 -15.14
N CYS C 65 -17.25 -8.71 -15.55
CA CYS C 65 -15.91 -8.32 -15.15
C CYS C 65 -14.95 -8.66 -16.27
N THR C 66 -14.29 -7.67 -16.84
CA THR C 66 -13.45 -7.89 -18.03
C THR C 66 -12.12 -7.17 -17.82
N PRO C 67 -11.00 -7.90 -17.63
CA PRO C 67 -10.89 -9.36 -17.68
C PRO C 67 -11.46 -9.93 -16.42
N PRO C 68 -11.78 -11.23 -16.41
CA PRO C 68 -12.40 -11.81 -15.19
C PRO C 68 -11.45 -11.84 -13.98
N LEU C 69 -12.02 -11.71 -12.79
CA LEU C 69 -11.27 -11.85 -11.54
C LEU C 69 -11.87 -13.02 -10.80
N ASP C 70 -11.06 -13.95 -10.31
CA ASP C 70 -11.71 -15.07 -9.63
C ASP C 70 -12.23 -14.71 -8.23
N CYS C 71 -11.82 -13.56 -7.70
CA CYS C 71 -12.28 -13.18 -6.35
C CYS C 71 -13.49 -12.23 -6.33
N ILE C 72 -13.97 -11.81 -7.49
CA ILE C 72 -15.00 -10.77 -7.45
C ILE C 72 -16.36 -11.30 -6.88
N SER C 73 -16.66 -12.59 -6.97
CA SER C 73 -17.89 -13.04 -6.30
C SER C 73 -17.76 -13.02 -4.79
N GLU C 74 -16.57 -13.35 -4.31
CA GLU C 74 -16.30 -13.20 -2.89
C GLU C 74 -16.39 -11.73 -2.50
N PHE C 75 -15.89 -10.82 -3.33
CA PHE C 75 -16.02 -9.41 -2.99
C PHE C 75 -17.47 -8.95 -3.02
N GLN C 76 -18.26 -9.51 -3.91
CA GLN C 76 -19.66 -9.12 -3.95
C GLN C 76 -20.32 -9.55 -2.64
N LEU C 77 -20.08 -10.79 -2.20
CA LEU C 77 -20.65 -11.23 -0.94
C LEU C 77 -20.20 -10.35 0.24
N LYS C 78 -18.92 -9.99 0.27
CA LYS C 78 -18.43 -9.10 1.33
C LYS C 78 -19.04 -7.70 1.31
N VAL C 79 -19.26 -7.12 0.12
CA VAL C 79 -19.78 -5.77 0.13
C VAL C 79 -21.24 -5.82 0.53
N ARG C 80 -21.89 -6.89 0.18
CA ARG C 80 -23.27 -7.01 0.62
C ARG C 80 -23.34 -7.10 2.13
N GLU C 81 -22.44 -7.87 2.68
CA GLU C 81 -22.50 -8.09 4.12
C GLU C 81 -22.08 -6.84 4.92
N THR C 82 -21.05 -6.14 4.47
CA THR C 82 -20.51 -5.01 5.23
C THR C 82 -20.97 -3.64 4.80
N ASN C 83 -21.54 -3.58 3.62
CA ASN C 83 -21.89 -2.33 2.99
C ASN C 83 -20.65 -1.44 2.80
N ASN C 84 -19.46 -2.03 2.74
CA ASN C 84 -18.27 -1.17 2.61
C ASN C 84 -17.88 -1.08 1.14
N PHE C 85 -18.43 -0.08 0.48
CA PHE C 85 -18.34 0.03 -0.96
C PHE C 85 -16.94 0.56 -1.29
N SER C 86 -16.40 1.41 -0.40
CA SER C 86 -15.04 1.90 -0.60
C SER C 86 -14.07 0.73 -0.66
N ALA C 87 -14.17 -0.18 0.31
CA ALA C 87 -13.20 -1.30 0.36
C ALA C 87 -13.42 -2.24 -0.82
N PHE C 88 -14.65 -2.39 -1.25
CA PHE C 88 -15.00 -3.23 -2.40
C PHE C 88 -14.26 -2.72 -3.63
N ILE C 89 -14.37 -1.41 -3.91
CA ILE C 89 -13.71 -0.81 -5.07
C ILE C 89 -12.15 -0.94 -4.92
N ALA C 90 -11.63 -0.61 -3.72
CA ALA C 90 -10.19 -0.71 -3.47
C ALA C 90 -9.68 -2.16 -3.67
N ASN C 91 -10.42 -3.15 -3.18
CA ASN C 91 -10.03 -4.57 -3.39
C ASN C 91 -10.11 -5.08 -4.81
N ILE C 92 -11.09 -4.59 -5.56
CA ILE C 92 -11.12 -4.92 -6.98
C ILE C 92 -9.91 -4.30 -7.72
N ARG C 93 -9.54 -3.07 -7.40
CA ARG C 93 -8.36 -2.52 -8.07
C ARG C 93 -7.07 -3.31 -7.70
N LYS C 94 -6.94 -3.68 -6.46
CA LYS C 94 -5.80 -4.49 -6.04
C LYS C 94 -5.77 -5.80 -6.82
N ALA C 95 -6.94 -6.40 -6.99
CA ALA C 95 -7.06 -7.66 -7.74
C ALA C 95 -6.70 -7.52 -9.24
N PHE C 96 -7.10 -6.40 -9.90
CA PHE C 96 -6.67 -6.14 -11.29
C PHE C 96 -5.12 -5.91 -11.37
N THR C 97 -4.59 -5.13 -10.44
CA THR C 97 -3.10 -4.96 -10.36
C THR C 97 -2.43 -6.36 -10.31
N ALA C 98 -2.93 -7.23 -9.46
CA ALA C 98 -2.28 -8.52 -9.29
C ALA C 98 -2.42 -9.28 -10.59
N LEU C 99 -3.58 -9.15 -11.21
CA LEU C 99 -3.89 -10.04 -12.32
C LEU C 99 -2.96 -9.68 -13.42
N SER C 100 -2.56 -8.41 -13.45
CA SER C 100 -1.67 -7.93 -14.48
C SER C 100 -0.25 -8.49 -14.43
N PHE C 101 0.14 -9.07 -13.29
CA PHE C 101 1.43 -9.76 -13.12
C PHE C 101 1.36 -11.29 -13.28
N LYS C 102 0.17 -11.85 -13.51
CA LYS C 102 -0.01 -13.31 -13.59
C LYS C 102 0.58 -13.89 -14.88
N ALA D 12 -23.86 15.44 -13.00
CA ALA D 12 -22.41 15.53 -12.65
C ALA D 12 -22.06 15.40 -11.14
N ALA D 13 -22.83 16.07 -10.30
CA ALA D 13 -22.64 16.07 -8.87
C ALA D 13 -22.67 14.65 -8.30
N TYR D 14 -23.60 13.81 -8.76
CA TYR D 14 -23.72 12.50 -8.15
C TYR D 14 -22.44 11.62 -8.34
N VAL D 15 -21.86 11.70 -9.51
CA VAL D 15 -20.61 10.92 -9.75
C VAL D 15 -19.49 11.46 -8.87
N THR D 16 -19.36 12.78 -8.75
CA THR D 16 -18.22 13.26 -7.93
C THR D 16 -18.48 12.91 -6.46
N GLN D 17 -19.76 12.90 -6.06
CA GLN D 17 -20.07 12.47 -4.67
C GLN D 17 -19.65 11.02 -4.44
N LEU D 18 -19.91 10.16 -5.45
CA LEU D 18 -19.47 8.78 -5.31
C LEU D 18 -17.93 8.68 -5.29
N TYR D 19 -17.22 9.55 -6.01
CA TYR D 19 -15.73 9.41 -5.94
C TYR D 19 -15.28 9.73 -4.53
N TYR D 20 -15.92 10.70 -3.88
CA TYR D 20 -15.65 10.96 -2.48
C TYR D 20 -15.94 9.75 -1.61
N LYS D 21 -17.10 9.11 -1.84
CA LYS D 21 -17.48 7.96 -1.00
C LYS D 21 -16.40 6.86 -1.13
N ILE D 22 -15.90 6.71 -2.34
CA ILE D 22 -14.91 5.66 -2.63
C ILE D 22 -13.54 6.02 -2.04
N SER D 23 -13.07 7.21 -2.34
CA SER D 23 -11.68 7.56 -2.05
C SER D 23 -11.45 8.37 -0.76
N ARG D 24 -12.54 9.01 -0.32
CA ARG D 24 -12.53 9.99 0.75
C ARG D 24 -11.54 11.16 0.54
N ILE D 25 -11.27 11.52 -0.70
CA ILE D 25 -10.44 12.66 -1.08
C ILE D 25 -11.26 13.91 -1.47
N ASP D 26 -10.85 15.10 -0.98
CA ASP D 26 -11.49 16.36 -1.42
C ASP D 26 -10.35 17.17 -2.03
N TRP D 27 -10.46 17.52 -3.32
CA TRP D 27 -9.34 18.22 -3.98
C TRP D 27 -9.33 19.71 -3.61
N ASP D 28 -8.15 20.31 -3.74
CA ASP D 28 -8.00 21.76 -3.70
C ASP D 28 -8.08 22.16 -5.16
N TYR D 29 -9.14 22.89 -5.49
CA TYR D 29 -9.46 23.27 -6.89
C TYR D 29 -8.83 24.57 -7.29
N GLU D 30 -8.18 25.20 -6.33
CA GLU D 30 -7.53 26.50 -6.50
C GLU D 30 -6.02 26.50 -6.71
N VAL D 31 -5.47 25.43 -7.25
CA VAL D 31 -4.04 25.36 -7.49
C VAL D 31 -3.65 25.09 -8.98
N GLU D 32 -2.37 25.31 -9.33
CA GLU D 32 -1.90 25.02 -10.70
C GLU D 32 -2.18 23.55 -11.08
N PRO D 33 -2.29 23.26 -12.39
CA PRO D 33 -2.70 21.89 -12.75
C PRO D 33 -1.64 20.88 -12.34
N ALA D 34 -0.39 21.34 -12.28
CA ALA D 34 0.76 20.48 -11.98
C ALA D 34 0.80 20.03 -10.53
N ARG D 35 -0.12 20.49 -9.70
CA ARG D 35 -0.04 20.20 -8.29
C ARG D 35 -1.20 19.35 -7.86
N ILE D 36 -0.93 18.17 -7.33
CA ILE D 36 -2.02 17.34 -6.89
C ILE D 36 -2.26 17.65 -5.40
N LYS D 37 -3.31 18.36 -5.10
CA LYS D 37 -3.39 18.83 -3.72
C LYS D 37 -4.77 18.59 -3.21
N GLY D 38 -4.87 18.19 -1.96
CA GLY D 38 -6.17 17.87 -1.44
C GLY D 38 -6.02 17.35 -0.01
N ILE D 39 -7.10 16.76 0.50
CA ILE D 39 -7.10 16.13 1.82
C ILE D 39 -7.77 14.78 1.74
N HIS D 40 -7.20 13.78 2.44
CA HIS D 40 -7.79 12.45 2.48
C HIS D 40 -8.36 12.27 3.87
N TYR D 41 -9.64 11.92 3.93
CA TYR D 41 -10.38 11.72 5.22
C TYR D 41 -10.49 10.26 5.67
N GLY D 42 -10.65 10.03 6.97
CA GLY D 42 -10.77 8.71 7.55
C GLY D 42 -11.36 8.62 8.94
N PRO D 43 -11.41 7.42 9.52
CA PRO D 43 -11.82 7.31 10.92
C PRO D 43 -10.55 7.63 11.66
N ASP D 44 -10.31 8.88 11.90
CA ASP D 44 -9.30 9.40 12.79
C ASP D 44 -9.01 10.65 11.98
N ILE D 45 -7.97 11.38 12.34
CA ILE D 45 -7.57 12.64 11.72
C ILE D 45 -7.21 12.72 10.21
N ALA D 46 -7.72 13.77 9.55
CA ALA D 46 -7.63 13.97 8.08
C ALA D 46 -6.21 14.29 7.66
N GLN D 47 -5.81 13.81 6.48
CA GLN D 47 -4.39 13.89 6.03
C GLN D 47 -4.14 14.68 4.73
N PRO D 48 -3.27 15.69 4.77
CA PRO D 48 -3.05 16.49 3.53
C PRO D 48 -2.27 15.71 2.46
N ILE D 49 -2.56 16.06 1.22
CA ILE D 49 -1.89 15.57 0.01
C ILE D 49 -1.38 16.80 -0.77
N ASN D 50 -0.10 16.87 -1.05
CA ASN D 50 0.37 17.93 -1.92
C ASN D 50 1.52 17.45 -2.76
N MET D 51 1.24 16.94 -3.94
CA MET D 51 2.32 16.27 -4.70
C MET D 51 2.61 17.06 -5.95
N ASP D 52 3.82 16.94 -6.47
CA ASP D 52 4.12 17.61 -7.76
C ASP D 52 3.98 16.57 -8.89
N SER D 53 2.98 16.74 -9.73
CA SER D 53 2.67 15.70 -10.72
C SER D 53 3.82 15.54 -11.69
N SER D 54 4.63 16.57 -11.82
CA SER D 54 5.74 16.51 -12.78
C SER D 54 6.84 15.56 -12.31
N HIS D 55 6.88 15.25 -11.01
CA HIS D 55 7.93 14.38 -10.45
C HIS D 55 7.58 12.89 -10.53
N HIS D 56 6.39 12.55 -10.99
CA HIS D 56 5.89 11.19 -10.88
C HIS D 56 5.20 10.73 -12.14
N SER D 57 5.21 9.41 -12.43
CA SER D 57 4.42 8.84 -13.53
C SER D 57 2.94 8.88 -13.14
N ARG D 58 2.08 8.90 -14.15
CA ARG D 58 0.63 8.72 -13.93
C ARG D 58 0.33 7.51 -13.11
N CYS D 59 0.91 6.38 -13.47
CA CYS D 59 0.68 5.17 -12.66
C CYS D 59 1.09 5.25 -11.20
N PHE D 60 2.24 5.85 -10.87
CA PHE D 60 2.58 6.01 -9.46
C PHE D 60 1.58 6.89 -8.74
N ILE D 61 1.22 7.97 -9.36
CA ILE D 61 0.21 8.88 -8.73
C ILE D 61 -1.06 8.09 -8.45
N SER D 62 -1.59 7.33 -9.43
CA SER D 62 -2.80 6.55 -9.14
C SER D 62 -2.53 5.47 -8.10
N ASP D 63 -1.41 4.71 -8.22
CA ASP D 63 -1.18 3.67 -7.18
C ASP D 63 -1.05 4.29 -5.78
N TYR D 64 -0.37 5.43 -5.68
CA TYR D 64 -0.12 6.04 -4.39
C TYR D 64 -1.42 6.54 -3.78
N LEU D 65 -2.16 7.29 -4.58
CA LEU D 65 -3.45 7.75 -4.09
C LEU D 65 -4.35 6.58 -3.67
N TRP D 66 -4.41 5.51 -4.48
CA TRP D 66 -5.21 4.37 -4.04
C TRP D 66 -4.69 3.72 -2.77
N SER D 67 -3.37 3.77 -2.52
CA SER D 67 -2.86 3.17 -1.28
C SER D 67 -3.35 3.90 -0.03
N LEU D 68 -3.74 5.18 -0.18
CA LEU D 68 -4.46 5.85 0.92
C LEU D 68 -5.80 5.21 1.36
N VAL D 69 -6.44 4.47 0.42
CA VAL D 69 -7.79 3.87 0.69
C VAL D 69 -7.65 2.53 1.37
N PRO D 70 -8.18 2.42 2.58
CA PRO D 70 -8.11 1.18 3.36
C PRO D 70 -8.84 0.04 2.66
N THR D 71 -8.22 -1.15 2.69
CA THR D 71 -8.74 -2.35 2.04
C THR D 71 -9.39 -3.29 3.03
N ALA D 72 -9.28 -2.99 4.33
CA ALA D 72 -10.06 -3.78 5.31
C ALA D 72 -11.60 -3.66 5.20
N TRP D 73 -12.32 -4.77 5.26
CA TRP D 73 -13.74 -4.75 5.09
C TRP D 73 -14.48 -4.20 6.30
N ASN E 3 -18.38 17.27 10.35
CA ASN E 3 -17.79 18.15 9.34
C ASN E 3 -18.70 18.40 8.13
N ALA E 4 -18.10 18.87 7.05
CA ALA E 4 -18.82 19.11 5.81
C ALA E 4 -19.22 17.84 5.05
N PHE E 5 -18.57 16.69 5.33
CA PHE E 5 -18.85 15.43 4.62
C PHE E 5 -19.79 14.58 5.40
N SER E 6 -20.36 15.16 6.48
CA SER E 6 -21.12 14.34 7.37
C SER E 6 -22.19 13.51 6.60
N GLU E 7 -22.88 14.20 5.74
CA GLU E 7 -24.00 13.54 5.07
C GLU E 7 -23.52 12.45 4.11
N LEU E 8 -22.52 12.79 3.31
CA LEU E 8 -21.90 11.70 2.48
C LEU E 8 -21.34 10.55 3.29
N ASP E 9 -20.61 10.82 4.39
CA ASP E 9 -20.11 9.69 5.18
C ASP E 9 -21.16 8.77 5.72
N SER E 10 -22.34 9.30 6.07
CA SER E 10 -23.34 8.35 6.48
C SER E 10 -24.34 7.80 5.38
N ALA E 11 -24.30 8.31 4.15
CA ALA E 11 -25.18 7.77 3.09
C ALA E 11 -24.87 6.34 2.74
N ASP E 12 -25.89 5.58 2.41
CA ASP E 12 -25.71 4.21 2.02
C ASP E 12 -25.21 4.24 0.57
N PRO E 13 -24.10 3.50 0.22
CA PRO E 13 -23.55 3.57 -1.15
C PRO E 13 -24.64 3.15 -2.17
N ARG E 14 -25.55 2.27 -1.80
CA ARG E 14 -26.59 1.81 -2.75
C ARG E 14 -27.52 2.97 -3.22
N VAL E 15 -27.85 3.82 -2.30
CA VAL E 15 -28.51 5.10 -2.61
C VAL E 15 -27.68 5.93 -3.49
N MET E 16 -26.38 6.11 -3.19
CA MET E 16 -25.56 6.94 -4.04
C MET E 16 -25.42 6.35 -5.47
N LEU E 17 -25.39 5.01 -5.53
CA LEU E 17 -25.19 4.39 -6.84
C LEU E 17 -26.48 4.58 -7.65
N ARG E 18 -27.59 4.35 -6.98
CA ARG E 18 -28.89 4.59 -7.64
C ARG E 18 -29.05 6.06 -8.08
N ARG E 19 -28.54 7.06 -7.34
CA ARG E 19 -28.63 8.43 -7.77
C ARG E 19 -27.96 8.61 -9.14
N ILE E 20 -26.80 7.96 -9.30
CA ILE E 20 -26.15 8.08 -10.62
C ILE E 20 -26.99 7.35 -11.67
N ILE E 21 -27.47 6.18 -11.35
CA ILE E 21 -28.07 5.36 -12.42
C ILE E 21 -29.39 6.11 -12.88
N GLN E 22 -30.14 6.65 -11.94
CA GLN E 22 -31.45 7.28 -12.30
C GLN E 22 -31.33 8.62 -12.92
N ASN E 23 -30.22 9.32 -12.68
CA ASN E 23 -30.11 10.68 -13.15
C ASN E 23 -29.14 11.02 -14.28
N GLN E 24 -28.37 10.03 -14.72
CA GLN E 24 -27.37 10.32 -15.73
C GLN E 24 -27.84 9.54 -16.93
N PRO E 25 -27.70 10.13 -18.11
CA PRO E 25 -28.17 9.41 -19.31
C PRO E 25 -27.26 8.32 -19.71
N GLN E 26 -27.78 7.29 -20.34
CA GLN E 26 -26.88 6.19 -20.65
C GLN E 26 -25.99 6.46 -21.85
N VAL E 27 -24.77 5.91 -21.78
CA VAL E 27 -23.73 6.02 -22.80
C VAL E 27 -23.25 4.60 -23.10
N ASP E 28 -22.51 4.38 -24.19
CA ASP E 28 -21.93 3.09 -24.46
C ASP E 28 -20.91 2.70 -23.40
N PRO E 29 -20.93 1.45 -23.03
CA PRO E 29 -19.83 0.81 -22.29
C PRO E 29 -18.58 0.78 -23.14
N LEU E 30 -17.45 0.85 -22.46
CA LEU E 30 -16.18 0.84 -23.16
C LEU E 30 -15.88 -0.63 -23.26
N ALA E 31 -15.22 -1.05 -24.33
CA ALA E 31 -14.84 -2.47 -24.41
C ALA E 31 -13.32 -2.64 -24.37
N LEU E 32 -12.84 -3.84 -24.03
CA LEU E 32 -11.42 -4.15 -24.18
C LEU E 32 -10.97 -3.82 -25.59
N GLN E 33 -11.78 -4.20 -26.58
CA GLN E 33 -11.51 -4.03 -28.01
C GLN E 33 -10.21 -4.70 -28.48
N ASN F 3 8.45 -14.46 -12.09
CA ASN F 3 8.16 -15.43 -11.03
C ASN F 3 6.95 -15.06 -10.18
N ALA F 4 6.87 -15.66 -9.01
CA ALA F 4 5.78 -15.38 -8.07
C ALA F 4 5.89 -14.01 -7.35
N PHE F 5 7.08 -13.41 -7.33
CA PHE F 5 7.30 -12.13 -6.62
C PHE F 5 7.24 -10.98 -7.59
N SER F 6 6.83 -11.28 -8.82
CA SER F 6 6.90 -10.27 -9.82
C SER F 6 6.27 -8.93 -9.35
N GLU F 7 5.10 -9.08 -8.77
CA GLU F 7 4.34 -7.90 -8.42
C GLU F 7 5.01 -7.15 -7.27
N LEU F 8 5.36 -7.88 -6.24
CA LEU F 8 6.19 -7.22 -5.18
C LEU F 8 7.50 -6.60 -5.66
N ASP F 9 8.27 -7.30 -6.53
CA ASP F 9 9.46 -6.66 -7.06
C ASP F 9 9.29 -5.37 -7.79
N SER F 10 8.19 -5.23 -8.54
CA SER F 10 7.99 -3.95 -9.11
C SER F 10 7.17 -2.87 -8.31
N ALA F 11 6.55 -3.24 -7.21
CA ALA F 11 5.82 -2.24 -6.41
C ALA F 11 6.71 -1.14 -5.85
N ASP F 12 6.16 0.03 -5.69
CA ASP F 12 6.92 1.16 -5.21
C ASP F 12 6.89 1.00 -3.67
N PRO F 13 8.07 1.10 -2.99
CA PRO F 13 8.05 0.89 -1.53
C PRO F 13 7.12 1.90 -0.83
N ARG F 14 6.95 3.10 -1.37
CA ARG F 14 6.07 4.08 -0.73
C ARG F 14 4.58 3.62 -0.68
N VAL F 15 4.13 3.00 -1.75
CA VAL F 15 2.86 2.28 -1.75
C VAL F 15 2.82 1.21 -0.71
N MET F 16 3.85 0.33 -0.63
CA MET F 16 3.81 -0.71 0.36
C MET F 16 3.81 -0.14 1.81
N LEU F 17 4.53 0.96 2.01
CA LEU F 17 4.62 1.52 3.35
C LEU F 17 3.25 2.11 3.72
N ARG F 18 2.69 2.82 2.76
CA ARG F 18 1.34 3.35 2.97
C ARG F 18 0.31 2.24 3.21
N ARG F 19 0.42 1.06 2.57
CA ARG F 19 -0.51 -0.04 2.86
C ARG F 19 -0.47 -0.42 4.35
N ILE F 20 0.73 -0.50 4.89
CA ILE F 20 0.79 -0.80 6.34
C ILE F 20 0.18 0.35 7.15
N ILE F 21 0.51 1.56 6.80
CA ILE F 21 0.17 2.69 7.67
C ILE F 21 -1.43 2.79 7.65
N GLN F 22 -2.02 2.62 6.50
CA GLN F 22 -3.52 2.80 6.40
C GLN F 22 -4.30 1.66 6.93
N ASN F 23 -3.72 0.45 6.95
CA ASN F 23 -4.50 -0.72 7.32
C ASN F 23 -4.24 -1.40 8.65
N GLN F 24 -3.24 -0.92 9.37
CA GLN F 24 -2.89 -1.60 10.61
C GLN F 24 -3.23 -0.59 11.68
N PRO F 25 -3.79 -1.07 12.79
CA PRO F 25 -4.14 -0.11 13.85
C PRO F 25 -2.95 0.39 14.61
N GLN F 26 -3.01 1.60 15.14
CA GLN F 26 -1.81 2.08 15.79
C GLN F 26 -1.59 1.47 17.18
N VAL F 27 -0.30 1.33 17.55
CA VAL F 27 0.15 0.75 18.80
C VAL F 27 1.19 1.71 19.34
N ASP F 28 1.57 1.59 20.61
CA ASP F 28 2.62 2.43 21.16
C ASP F 28 3.96 2.13 20.50
N PRO F 29 4.72 3.16 20.28
CA PRO F 29 6.14 3.06 19.95
C PRO F 29 6.91 2.50 21.14
N LEU F 30 7.98 1.80 20.83
CA LEU F 30 8.81 1.23 21.86
C LEU F 30 9.78 2.32 22.16
N ALA F 31 10.21 2.43 23.42
CA ALA F 31 11.23 3.44 23.75
C ALA F 31 12.54 2.78 24.18
N LEU F 32 13.65 3.52 24.09
CA LEU F 32 14.90 3.04 24.67
C LEU F 32 14.68 2.65 26.13
N GLN F 33 13.94 3.50 26.85
CA GLN F 33 13.64 3.32 28.28
C GLN F 33 14.90 3.23 29.17
#